data_8HBS
#
_entry.id   8HBS
#
_cell.length_a   97.823
_cell.length_b   97.823
_cell.length_c   47.116
_cell.angle_alpha   90.000
_cell.angle_beta   90.000
_cell.angle_gamma   90.000
#
_symmetry.space_group_name_H-M   'P 41'
#
loop_
_entity.id
_entity.type
_entity.pdbx_description
1 polymer 'Glycylpeptide N-tetradecanoyltransferase'
2 water water
#
_entity_poly.entity_id   1
_entity_poly.type   'polypeptide(L)'
_entity_poly.pdbx_seq_one_letter_code
;GPQTQPVPRFDETSNASGGPIKIIDPEKVSKEPDQLIEGFEWTTLDLTNETELQELWDLLTYHYVEDDNAMFRFRYSQSF
LHWALMSPGWRKEWHVGVRATKSKKLVASICGVPTEIRVRDQKLKVTEINFLCIHKKLRSKRLTPVLIKEITRRCYLNGI
YQAIYTAGVVLPTPVSSCRYYHRPLDWLKLYEVGFSPLPHGSTKARQITKNHLPSTTSTPGLRPMEIKDIDAVHDLLERY
LKRFDMNQAFTKEEIEHWLVHKDGAGKEQVVWSYVVEDPETHKITDFFSFYNLPSTVIQHPKHKEVRAAYLYYYATETAF
TEDLKALKERLLLLMNDALIQAKKAHFDVFNALTLHDNPLFLEQLKFGAGDGQLHFYLYNYRTAPIPGGVNEKNLPDEKK
MGGVGVVML
;
_entity_poly.pdbx_strand_id   A
#
# COMPACT_ATOMS: atom_id res chain seq x y z
N SER A 17 -11.17 8.54 -21.74
CA SER A 17 -11.59 8.54 -20.34
C SER A 17 -11.95 7.13 -19.91
N GLY A 18 -12.69 6.43 -20.76
CA GLY A 18 -13.02 5.04 -20.53
C GLY A 18 -14.32 4.83 -19.80
N GLY A 19 -14.55 3.56 -19.44
CA GLY A 19 -15.74 3.18 -18.74
C GLY A 19 -15.79 1.68 -18.47
N PRO A 20 -16.91 1.22 -17.94
CA PRO A 20 -17.04 -0.21 -17.61
C PRO A 20 -16.93 -1.08 -18.85
N ILE A 21 -16.40 -2.28 -18.64
CA ILE A 21 -16.35 -3.24 -19.74
C ILE A 21 -17.74 -3.84 -19.95
N LYS A 22 -18.42 -4.16 -18.85
CA LYS A 22 -19.80 -4.60 -18.90
C LYS A 22 -20.62 -3.90 -17.84
N ILE A 23 -21.82 -3.47 -18.22
CA ILE A 23 -22.82 -3.04 -17.25
C ILE A 23 -23.51 -4.29 -16.71
N ILE A 24 -23.58 -4.42 -15.40
CA ILE A 24 -24.10 -5.67 -14.89
C ILE A 24 -25.44 -5.37 -14.22
N ASP A 25 -26.35 -6.32 -14.33
CA ASP A 25 -27.64 -6.25 -13.65
C ASP A 25 -27.54 -7.12 -12.41
N PRO A 26 -27.59 -6.56 -11.20
CA PRO A 26 -27.42 -7.39 -10.00
C PRO A 26 -28.50 -8.44 -9.82
N GLU A 27 -29.63 -8.34 -10.49
CA GLU A 27 -30.64 -9.39 -10.37
C GLU A 27 -30.30 -10.61 -11.22
N LYS A 28 -29.47 -10.45 -12.24
CA LYS A 28 -29.08 -11.55 -13.12
C LYS A 28 -27.78 -12.22 -12.68
N VAL A 29 -27.14 -11.74 -11.61
CA VAL A 29 -25.85 -12.33 -11.19
C VAL A 29 -26.13 -13.58 -10.37
N SER A 30 -25.35 -14.63 -10.60
CA SER A 30 -25.56 -15.89 -9.90
C SER A 30 -25.40 -15.70 -8.38
N LYS A 31 -26.29 -16.34 -7.62
CA LYS A 31 -26.24 -16.26 -6.18
C LYS A 31 -25.36 -17.36 -5.58
N GLU A 32 -24.80 -18.23 -6.42
CA GLU A 32 -23.93 -19.27 -5.95
C GLU A 32 -22.59 -19.20 -6.66
N PRO A 33 -21.49 -19.45 -5.96
CA PRO A 33 -20.17 -19.35 -6.60
C PRO A 33 -19.96 -20.41 -7.67
N ASP A 34 -18.94 -20.17 -8.48
CA ASP A 34 -18.56 -21.13 -9.52
C ASP A 34 -18.00 -22.39 -8.89
N GLN A 35 -18.27 -23.53 -9.51
CA GLN A 35 -17.64 -24.77 -9.11
C GLN A 35 -16.13 -24.65 -9.28
N LEU A 36 -15.41 -25.09 -8.26
CA LEU A 36 -13.96 -25.03 -8.29
C LEU A 36 -13.40 -26.29 -8.96
N ILE A 37 -12.08 -26.28 -9.19
CA ILE A 37 -11.43 -27.48 -9.69
C ILE A 37 -11.65 -28.64 -8.71
N GLU A 38 -11.52 -29.86 -9.24
CA GLU A 38 -11.94 -31.11 -8.62
C GLU A 38 -12.04 -31.10 -7.09
N GLY A 39 -10.91 -31.08 -6.39
CA GLY A 39 -10.95 -31.30 -4.95
C GLY A 39 -10.83 -30.06 -4.06
N PHE A 40 -11.39 -28.93 -4.48
CA PHE A 40 -11.25 -27.73 -3.66
C PHE A 40 -12.64 -27.13 -3.46
N GLU A 41 -12.77 -26.25 -2.46
CA GLU A 41 -14.07 -25.69 -2.13
C GLU A 41 -13.92 -24.25 -1.64
N TRP A 42 -14.98 -23.45 -1.82
CA TRP A 42 -14.97 -22.06 -1.34
C TRP A 42 -15.18 -22.01 0.16
N THR A 43 -14.68 -20.95 0.79
CA THR A 43 -14.97 -20.72 2.19
C THR A 43 -15.04 -19.23 2.43
N THR A 44 -15.78 -18.84 3.46
CA THR A 44 -15.77 -17.45 3.93
C THR A 44 -14.96 -17.43 5.21
N LEU A 45 -13.92 -16.60 5.23
CA LEU A 45 -13.05 -16.51 6.39
C LEU A 45 -13.71 -15.65 7.46
N ASP A 46 -13.69 -16.13 8.70
CA ASP A 46 -14.06 -15.32 9.86
C ASP A 46 -12.78 -14.87 10.54
N LEU A 47 -12.29 -13.69 10.16
CA LEU A 47 -11.02 -13.21 10.70
C LEU A 47 -11.15 -12.62 12.11
N THR A 48 -12.36 -12.57 12.69
CA THR A 48 -12.49 -12.33 14.11
C THR A 48 -12.18 -13.58 14.92
N ASN A 49 -12.09 -14.73 14.26
CA ASN A 49 -11.71 -16.00 14.88
C ASN A 49 -10.19 -16.14 14.78
N GLU A 50 -9.49 -16.16 15.92
CA GLU A 50 -8.04 -16.16 15.86
C GLU A 50 -7.49 -17.41 15.19
N THR A 51 -8.22 -18.53 15.23
CA THR A 51 -7.75 -19.71 14.52
C THR A 51 -7.80 -19.50 13.02
N GLU A 52 -8.84 -18.84 12.52
CA GLU A 52 -8.89 -18.57 11.09
C GLU A 52 -7.93 -17.45 10.71
N LEU A 53 -7.78 -16.44 11.57
CA LEU A 53 -6.73 -15.45 11.32
C LEU A 53 -5.36 -16.10 11.22
N GLN A 54 -5.08 -17.06 12.11
CA GLN A 54 -3.82 -17.80 12.03
C GLN A 54 -3.68 -18.52 10.69
N GLU A 55 -4.76 -19.14 10.20
CA GLU A 55 -4.69 -19.84 8.93
C GLU A 55 -4.28 -18.88 7.81
N LEU A 56 -4.95 -17.72 7.74
CA LEU A 56 -4.61 -16.76 6.69
C LEU A 56 -3.17 -16.26 6.86
N TRP A 57 -2.80 -15.96 8.10
CA TRP A 57 -1.47 -15.49 8.42
C TRP A 57 -0.42 -16.47 7.92
N ASP A 58 -0.62 -17.76 8.21
CA ASP A 58 0.31 -18.80 7.77
C ASP A 58 0.36 -18.94 6.26
N LEU A 59 -0.79 -18.85 5.59
CA LEU A 59 -0.80 -18.89 4.13
C LEU A 59 -0.01 -17.74 3.55
N LEU A 60 -0.25 -16.53 4.08
CA LEU A 60 0.39 -15.32 3.59
C LEU A 60 1.90 -15.36 3.80
N THR A 61 2.33 -15.75 5.00
CA THR A 61 3.75 -15.74 5.30
C THR A 61 4.55 -16.61 4.34
N TYR A 62 4.04 -17.79 3.99
CA TYR A 62 4.84 -18.69 3.16
C TYR A 62 4.46 -18.71 1.68
N HIS A 63 3.34 -18.12 1.28
CA HIS A 63 2.91 -18.29 -0.09
C HIS A 63 2.56 -16.99 -0.81
N TYR A 64 2.64 -15.85 -0.13
CA TYR A 64 2.15 -14.63 -0.78
C TYR A 64 3.21 -13.94 -1.65
N VAL A 65 4.49 -14.11 -1.33
CA VAL A 65 5.55 -13.60 -2.20
C VAL A 65 5.78 -14.60 -3.33
N GLU A 66 5.74 -14.12 -4.58
CA GLU A 66 5.63 -15.03 -5.71
C GLU A 66 6.93 -15.75 -6.02
N ASP A 67 8.09 -15.19 -5.68
CA ASP A 67 9.38 -15.81 -6.01
C ASP A 67 9.87 -16.76 -4.90
N ASP A 68 10.48 -17.87 -5.33
CA ASP A 68 10.84 -18.98 -4.45
C ASP A 68 12.29 -18.97 -3.96
N ASN A 69 13.08 -17.95 -4.27
CA ASN A 69 14.36 -17.80 -3.59
C ASN A 69 14.33 -16.63 -2.63
N ALA A 70 13.15 -16.05 -2.43
CA ALA A 70 13.03 -14.93 -1.50
C ALA A 70 13.61 -15.33 -0.16
N MET A 71 14.77 -14.78 0.17
CA MET A 71 15.36 -14.94 1.48
C MET A 71 14.88 -13.85 2.46
N PHE A 72 13.84 -13.11 2.09
CA PHE A 72 13.10 -12.23 2.98
C PHE A 72 11.61 -12.52 2.82
N ARG A 73 10.82 -12.13 3.81
CA ARG A 73 9.37 -12.27 3.67
C ARG A 73 8.66 -11.42 4.70
N PHE A 74 7.44 -10.99 4.37
CA PHE A 74 6.75 -10.05 5.23
C PHE A 74 6.30 -10.70 6.52
N ARG A 75 6.31 -9.95 7.62
CA ARG A 75 5.79 -10.51 8.85
C ARG A 75 4.50 -9.76 9.13
N TYR A 76 3.39 -10.49 9.08
CA TYR A 76 2.11 -9.90 9.36
C TYR A 76 1.85 -9.98 10.85
N SER A 77 0.78 -9.32 11.28
CA SER A 77 0.42 -9.29 12.67
C SER A 77 -1.09 -9.09 12.73
N GLN A 78 -1.66 -9.47 13.87
CA GLN A 78 -3.08 -9.19 14.10
C GLN A 78 -3.40 -7.73 13.91
N SER A 79 -2.56 -6.82 14.45
CA SER A 79 -2.86 -5.39 14.31
C SER A 79 -2.82 -4.97 12.86
N PHE A 80 -1.80 -5.41 12.11
CA PHE A 80 -1.73 -5.06 10.69
C PHE A 80 -2.93 -5.64 9.94
N LEU A 81 -3.23 -6.93 10.16
CA LEU A 81 -4.31 -7.56 9.40
C LEU A 81 -5.65 -6.93 9.71
N HIS A 82 -5.88 -6.54 10.97
CA HIS A 82 -7.13 -5.87 11.33
C HIS A 82 -7.21 -4.51 10.68
N TRP A 83 -6.08 -3.79 10.64
CA TRP A 83 -6.03 -2.49 9.98
C TRP A 83 -6.35 -2.62 8.49
N ALA A 84 -5.74 -3.62 7.84
CA ALA A 84 -5.88 -3.74 6.39
C ALA A 84 -7.25 -4.25 5.97
N LEU A 85 -7.89 -5.08 6.81
CA LEU A 85 -9.03 -5.87 6.35
C LEU A 85 -10.33 -5.53 7.05
N MET A 86 -10.33 -4.62 8.01
CA MET A 86 -11.50 -4.37 8.86
C MET A 86 -11.80 -2.88 8.85
N SER A 87 -11.69 -2.29 7.68
CA SER A 87 -11.94 -0.89 7.45
C SER A 87 -13.45 -0.65 7.36
N PRO A 88 -13.90 0.61 7.42
CA PRO A 88 -15.35 0.84 7.52
C PRO A 88 -16.15 0.25 6.36
N GLY A 89 -17.20 -0.48 6.71
CA GLY A 89 -17.98 -1.19 5.71
C GLY A 89 -17.54 -2.61 5.44
N TRP A 90 -16.52 -3.11 6.13
CA TRP A 90 -16.02 -4.45 5.83
C TRP A 90 -17.07 -5.51 6.16
N ARG A 91 -17.04 -6.60 5.42
CA ARG A 91 -17.96 -7.73 5.56
C ARG A 91 -17.12 -8.99 5.66
N LYS A 92 -17.54 -9.98 6.47
CA LYS A 92 -16.82 -11.25 6.35
C LYS A 92 -16.93 -11.83 4.95
N GLU A 93 -18.04 -11.58 4.23
CA GLU A 93 -18.22 -12.23 2.93
C GLU A 93 -17.20 -11.77 1.89
N TRP A 94 -16.47 -10.69 2.14
CA TRP A 94 -15.44 -10.28 1.21
C TRP A 94 -14.06 -10.73 1.65
N HIS A 95 -14.01 -11.65 2.61
CA HIS A 95 -12.76 -12.32 2.99
C HIS A 95 -12.93 -13.76 2.54
N VAL A 96 -12.48 -14.03 1.31
CA VAL A 96 -12.78 -15.27 0.60
C VAL A 96 -11.59 -16.20 0.70
N GLY A 97 -11.83 -17.50 0.86
CA GLY A 97 -10.76 -18.47 0.83
C GLY A 97 -11.13 -19.65 -0.07
N VAL A 98 -10.12 -20.47 -0.35
CA VAL A 98 -10.32 -21.76 -0.99
C VAL A 98 -9.66 -22.78 -0.07
N ARG A 99 -10.35 -23.88 0.20
CA ARG A 99 -9.74 -24.94 0.99
C ARG A 99 -9.72 -26.24 0.22
N ALA A 100 -8.71 -27.06 0.51
CA ALA A 100 -8.67 -28.42 0.03
C ALA A 100 -9.76 -29.22 0.72
N THR A 101 -10.54 -29.97 -0.06
CA THR A 101 -11.71 -30.60 0.51
C THR A 101 -11.32 -31.69 1.49
N LYS A 102 -10.30 -32.49 1.16
CA LYS A 102 -9.95 -33.61 2.02
C LYS A 102 -9.40 -33.13 3.36
N SER A 103 -8.42 -32.22 3.34
CA SER A 103 -7.77 -31.76 4.56
C SER A 103 -8.43 -30.53 5.20
N LYS A 104 -9.26 -29.78 4.45
CA LYS A 104 -9.79 -28.48 4.87
C LYS A 104 -8.70 -27.41 5.06
N LYS A 105 -7.47 -27.67 4.62
CA LYS A 105 -6.45 -26.65 4.76
C LYS A 105 -6.72 -25.48 3.82
N LEU A 106 -6.37 -24.27 4.26
CA LEU A 106 -6.58 -23.09 3.43
C LEU A 106 -5.45 -22.97 2.41
N VAL A 107 -5.80 -22.95 1.13
CA VAL A 107 -4.81 -22.97 0.06
C VAL A 107 -4.84 -21.72 -0.81
N ALA A 108 -5.82 -20.83 -0.63
CA ALA A 108 -5.85 -19.61 -1.39
C ALA A 108 -6.75 -18.63 -0.66
N SER A 109 -6.52 -17.34 -0.93
CA SER A 109 -7.35 -16.32 -0.32
C SER A 109 -7.42 -15.12 -1.24
N ILE A 110 -8.52 -14.37 -1.12
CA ILE A 110 -8.64 -13.08 -1.80
C ILE A 110 -9.53 -12.23 -0.89
N CYS A 111 -9.03 -11.06 -0.50
CA CYS A 111 -9.77 -10.23 0.44
C CYS A 111 -9.99 -8.87 -0.19
N GLY A 112 -11.12 -8.27 0.14
CA GLY A 112 -11.47 -6.98 -0.43
C GLY A 112 -12.07 -6.10 0.64
N VAL A 113 -11.81 -4.81 0.51
CA VAL A 113 -12.56 -3.86 1.35
C VAL A 113 -13.25 -2.89 0.41
N PRO A 114 -14.47 -2.49 0.73
CA PRO A 114 -15.22 -1.61 -0.17
C PRO A 114 -14.78 -0.17 0.05
N THR A 115 -14.68 0.56 -1.04
CA THR A 115 -14.29 1.96 -0.99
C THR A 115 -14.71 2.61 -2.30
N GLU A 116 -14.20 3.81 -2.56
CA GLU A 116 -14.45 4.51 -3.79
C GLU A 116 -13.14 5.07 -4.32
N ILE A 117 -12.97 5.01 -5.64
CA ILE A 117 -11.83 5.65 -6.31
C ILE A 117 -12.39 6.51 -7.42
N ARG A 118 -11.54 7.38 -7.97
CA ARG A 118 -11.86 8.17 -9.14
C ARG A 118 -10.88 7.79 -10.24
N VAL A 119 -11.39 7.54 -11.44
CA VAL A 119 -10.57 7.20 -12.59
C VAL A 119 -10.90 8.22 -13.68
N ARG A 120 -9.93 9.06 -14.01
CA ARG A 120 -10.09 10.14 -14.99
C ARG A 120 -11.47 10.77 -14.89
N ASP A 121 -11.72 11.43 -13.76
CA ASP A 121 -12.90 12.27 -13.52
C ASP A 121 -14.19 11.47 -13.29
N GLN A 122 -14.12 10.13 -13.17
CA GLN A 122 -15.29 9.28 -12.98
C GLN A 122 -15.18 8.56 -11.63
N LYS A 123 -16.19 8.72 -10.77
CA LYS A 123 -16.15 8.12 -9.45
C LYS A 123 -16.79 6.73 -9.47
N LEU A 124 -16.14 5.76 -8.84
CA LEU A 124 -16.48 4.34 -8.90
C LEU A 124 -16.44 3.70 -7.52
N LYS A 125 -17.50 2.98 -7.16
CA LYS A 125 -17.47 2.10 -6.01
C LYS A 125 -16.68 0.86 -6.39
N VAL A 126 -15.69 0.49 -5.57
CA VAL A 126 -14.79 -0.61 -5.89
C VAL A 126 -14.59 -1.46 -4.66
N THR A 127 -14.20 -2.71 -4.89
CA THR A 127 -13.50 -3.46 -3.87
C THR A 127 -12.00 -3.31 -4.14
N GLU A 128 -11.25 -2.90 -3.11
CA GLU A 128 -9.80 -2.85 -3.23
C GLU A 128 -9.23 -4.17 -2.70
N ILE A 129 -8.64 -4.94 -3.59
CA ILE A 129 -8.22 -6.31 -3.28
C ILE A 129 -6.79 -6.29 -2.75
N ASN A 130 -6.54 -6.87 -1.57
CA ASN A 130 -5.21 -6.62 -0.97
C ASN A 130 -4.40 -7.81 -0.50
N PHE A 131 -4.92 -9.05 -0.54
CA PHE A 131 -4.17 -10.28 -0.23
C PHE A 131 -4.58 -11.47 -1.09
N LEU A 132 -4.38 -11.33 -2.40
CA LEU A 132 -4.72 -12.40 -3.33
C LEU A 132 -3.55 -13.36 -3.27
N CYS A 133 -3.75 -14.50 -2.61
CA CYS A 133 -2.62 -15.36 -2.28
C CYS A 133 -2.96 -16.77 -2.69
N ILE A 134 -2.03 -17.44 -3.38
CA ILE A 134 -2.25 -18.80 -3.89
C ILE A 134 -1.10 -19.67 -3.44
N HIS A 135 -1.43 -20.80 -2.83
CA HIS A 135 -0.43 -21.73 -2.32
C HIS A 135 0.49 -22.19 -3.46
N LYS A 136 1.79 -22.32 -3.15
CA LYS A 136 2.77 -22.75 -4.15
C LYS A 136 2.27 -23.93 -4.98
N LYS A 137 1.61 -24.89 -4.34
CA LYS A 137 1.23 -26.11 -5.01
C LYS A 137 0.10 -25.90 -6.00
N LEU A 138 -0.57 -24.75 -5.95
CA LEU A 138 -1.70 -24.50 -6.85
C LEU A 138 -1.41 -23.43 -7.89
N ARG A 139 -0.19 -22.91 -7.96
CA ARG A 139 0.11 -21.89 -8.97
C ARG A 139 -0.07 -22.42 -10.39
N SER A 140 0.09 -23.73 -10.60
CA SER A 140 -0.10 -24.30 -11.93
C SER A 140 -1.56 -24.30 -12.37
N LYS A 141 -2.49 -24.19 -11.43
CA LYS A 141 -3.91 -24.24 -11.74
C LYS A 141 -4.44 -22.87 -12.18
N ARG A 142 -3.57 -21.85 -12.15
CA ARG A 142 -3.88 -20.46 -12.46
C ARG A 142 -5.25 -20.02 -11.94
N LEU A 143 -5.33 -19.82 -10.63
CA LEU A 143 -6.57 -19.50 -9.94
C LEU A 143 -6.84 -18.01 -9.83
N THR A 144 -5.87 -17.15 -10.20
CA THR A 144 -6.07 -15.71 -10.04
C THR A 144 -7.37 -15.24 -10.68
N PRO A 145 -7.66 -15.53 -11.96
CA PRO A 145 -8.95 -15.11 -12.51
C PRO A 145 -10.12 -15.69 -11.77
N VAL A 146 -9.93 -16.86 -11.16
CA VAL A 146 -11.05 -17.55 -10.53
C VAL A 146 -11.39 -16.88 -9.21
N LEU A 147 -10.36 -16.49 -8.44
CA LEU A 147 -10.60 -15.76 -7.20
C LEU A 147 -11.20 -14.40 -7.48
N ILE A 148 -10.66 -13.69 -8.47
CA ILE A 148 -11.17 -12.36 -8.78
C ILE A 148 -12.64 -12.46 -9.17
N LYS A 149 -12.97 -13.43 -10.03
CA LYS A 149 -14.35 -13.61 -10.44
C LYS A 149 -15.26 -13.84 -9.25
N GLU A 150 -14.80 -14.58 -8.24
CA GLU A 150 -15.69 -14.88 -7.13
C GLU A 150 -15.85 -13.72 -6.17
N ILE A 151 -14.77 -12.98 -5.87
CA ILE A 151 -15.01 -11.89 -4.94
C ILE A 151 -15.85 -10.82 -5.61
N THR A 152 -15.66 -10.60 -6.92
CA THR A 152 -16.46 -9.57 -7.58
C THR A 152 -17.90 -10.02 -7.77
N ARG A 153 -18.15 -11.33 -7.94
CA ARG A 153 -19.55 -11.77 -7.93
C ARG A 153 -20.21 -11.38 -6.63
N ARG A 154 -19.53 -11.59 -5.50
CA ARG A 154 -20.07 -11.18 -4.21
C ARG A 154 -20.27 -9.68 -4.14
N CYS A 155 -19.34 -8.91 -4.72
CA CYS A 155 -19.53 -7.45 -4.73
C CYS A 155 -20.64 -7.03 -5.67
N TYR A 156 -20.81 -7.73 -6.80
CA TYR A 156 -21.88 -7.38 -7.74
C TYR A 156 -23.23 -7.42 -7.06
N LEU A 157 -23.43 -8.39 -6.17
CA LEU A 157 -24.67 -8.51 -5.41
C LEU A 157 -24.88 -7.38 -4.43
N ASN A 158 -23.87 -6.54 -4.21
CA ASN A 158 -24.02 -5.38 -3.33
C ASN A 158 -23.73 -4.07 -4.06
N GLY A 159 -23.92 -4.05 -5.38
CA GLY A 159 -23.84 -2.79 -6.09
C GLY A 159 -22.45 -2.26 -6.32
N ILE A 160 -21.42 -3.11 -6.21
CA ILE A 160 -20.04 -2.74 -6.49
C ILE A 160 -19.61 -3.52 -7.72
N TYR A 161 -19.29 -2.81 -8.81
CA TYR A 161 -19.11 -3.43 -10.12
C TYR A 161 -17.69 -3.33 -10.64
N GLN A 162 -16.76 -2.80 -9.85
CA GLN A 162 -15.40 -2.66 -10.31
C GLN A 162 -14.48 -3.06 -9.17
N ALA A 163 -13.23 -3.36 -9.51
CA ALA A 163 -12.24 -3.68 -8.51
C ALA A 163 -10.90 -3.10 -8.91
N ILE A 164 -10.02 -2.95 -7.94
CA ILE A 164 -8.64 -2.60 -8.19
C ILE A 164 -7.77 -3.56 -7.38
N TYR A 165 -6.71 -4.05 -8.01
CA TYR A 165 -5.80 -4.97 -7.34
C TYR A 165 -4.40 -4.73 -7.88
N THR A 166 -3.40 -5.34 -7.23
CA THR A 166 -2.03 -5.17 -7.65
C THR A 166 -1.35 -6.51 -7.80
N ALA A 167 -0.15 -6.46 -8.36
CA ALA A 167 0.74 -7.61 -8.46
C ALA A 167 2.16 -7.10 -8.67
N GLY A 168 3.13 -7.93 -8.29
CA GLY A 168 4.52 -7.64 -8.57
C GLY A 168 4.98 -8.14 -9.91
N VAL A 169 4.10 -8.80 -10.67
CA VAL A 169 4.40 -9.32 -11.99
C VAL A 169 3.47 -8.68 -13.00
N VAL A 170 3.91 -8.62 -14.25
CA VAL A 170 3.07 -8.14 -15.35
C VAL A 170 2.14 -9.27 -15.78
N LEU A 171 0.83 -9.00 -15.75
CA LEU A 171 -0.24 -9.86 -16.27
C LEU A 171 -0.98 -9.04 -17.33
N PRO A 172 -1.93 -9.61 -18.14
CA PRO A 172 -2.53 -8.79 -19.20
C PRO A 172 -3.05 -7.44 -18.73
N THR A 173 -2.15 -6.48 -18.94
CA THR A 173 -2.25 -5.04 -19.00
C THR A 173 -2.52 -4.39 -17.65
N PRO A 174 -1.45 -4.08 -16.93
CA PRO A 174 -1.55 -3.09 -15.85
C PRO A 174 -2.11 -1.78 -16.39
N VAL A 175 -2.88 -1.10 -15.55
CA VAL A 175 -3.19 0.28 -15.89
C VAL A 175 -1.98 1.16 -15.59
N SER A 176 -1.14 0.78 -14.63
CA SER A 176 0.06 1.53 -14.32
C SER A 176 1.08 0.61 -13.64
N SER A 177 2.33 1.08 -13.60
CA SER A 177 3.43 0.37 -12.96
C SER A 177 4.32 1.38 -12.25
N CYS A 178 4.65 1.08 -10.99
CA CYS A 178 5.46 1.97 -10.16
C CYS A 178 6.68 1.20 -9.67
N ARG A 179 7.77 1.91 -9.41
CA ARG A 179 9.00 1.27 -8.94
C ARG A 179 9.17 1.52 -7.45
N TYR A 180 9.67 0.50 -6.72
CA TYR A 180 9.95 0.65 -5.30
C TYR A 180 11.30 1.35 -5.06
N TYR A 181 11.33 2.21 -4.04
CA TYR A 181 12.54 2.90 -3.63
C TYR A 181 12.72 2.70 -2.14
N HIS A 182 13.98 2.71 -1.69
CA HIS A 182 14.31 2.38 -0.32
C HIS A 182 15.32 3.36 0.25
N ARG A 183 14.97 3.95 1.38
CA ARG A 183 15.83 4.91 2.06
C ARG A 183 16.34 4.28 3.33
N PRO A 184 17.61 3.91 3.42
CA PRO A 184 18.08 3.29 4.67
C PRO A 184 18.03 4.28 5.83
N LEU A 185 17.58 3.79 6.97
CA LEU A 185 17.58 4.57 8.21
C LEU A 185 18.64 4.08 9.17
N ASP A 186 18.78 2.76 9.28
CA ASP A 186 19.88 2.11 10.01
C ASP A 186 20.65 1.31 8.96
N TRP A 187 21.54 2.01 8.25
CA TRP A 187 22.21 1.36 7.14
C TRP A 187 23.02 0.17 7.60
N LEU A 188 23.71 0.29 8.74
CA LEU A 188 24.55 -0.81 9.20
C LEU A 188 23.73 -2.09 9.39
N LYS A 189 22.56 -1.97 10.02
CA LYS A 189 21.68 -3.13 10.19
C LYS A 189 21.30 -3.74 8.84
N LEU A 190 20.89 -2.88 7.91
CA LEU A 190 20.53 -3.33 6.57
C LEU A 190 21.69 -4.02 5.87
N TYR A 191 22.92 -3.53 6.11
CA TYR A 191 24.08 -4.19 5.54
C TYR A 191 24.26 -5.58 6.15
N GLU A 192 24.17 -5.67 7.48
CA GLU A 192 24.41 -6.93 8.17
C GLU A 192 23.44 -8.03 7.73
N VAL A 193 22.22 -7.68 7.32
CA VAL A 193 21.23 -8.71 6.96
C VAL A 193 21.19 -8.95 5.45
N GLY A 194 22.07 -8.32 4.69
CA GLY A 194 22.06 -8.51 3.25
C GLY A 194 21.03 -7.72 2.51
N PHE A 195 20.32 -6.80 3.17
CA PHE A 195 19.34 -5.96 2.50
C PHE A 195 20.04 -4.91 1.64
N SER A 196 21.03 -4.22 2.21
CA SER A 196 21.70 -3.17 1.47
C SER A 196 23.09 -3.61 1.04
N PRO A 197 23.50 -3.29 -0.17
CA PRO A 197 24.86 -3.61 -0.62
C PRO A 197 25.85 -2.52 -0.23
N LEU A 198 27.13 -2.90 -0.24
CA LEU A 198 28.20 -1.92 -0.06
C LEU A 198 28.75 -1.57 -1.43
N PRO A 199 28.51 -0.35 -1.93
CA PRO A 199 28.96 -0.01 -3.29
C PRO A 199 30.47 -0.11 -3.43
N HIS A 200 30.92 -0.35 -4.67
CA HIS A 200 32.30 -0.66 -4.95
C HIS A 200 33.21 0.50 -4.53
N GLY A 201 34.25 0.17 -3.76
CA GLY A 201 35.18 1.16 -3.27
C GLY A 201 34.72 1.91 -2.03
N SER A 202 33.52 1.63 -1.53
CA SER A 202 32.98 2.42 -0.45
C SER A 202 33.24 1.70 0.88
N THR A 203 32.77 2.30 1.97
CA THR A 203 33.04 1.82 3.31
C THR A 203 31.80 2.02 4.15
N LYS A 204 31.73 1.30 5.28
CA LYS A 204 30.60 1.50 6.20
C LYS A 204 30.48 2.97 6.60
N ALA A 205 31.60 3.62 6.93
CA ALA A 205 31.56 5.02 7.34
C ALA A 205 30.95 5.88 6.25
N ARG A 206 31.35 5.64 4.99
CA ARG A 206 30.80 6.41 3.88
C ARG A 206 29.29 6.25 3.80
N GLN A 207 28.80 5.02 3.95
CA GLN A 207 27.36 4.79 3.82
C GLN A 207 26.61 5.30 5.04
N ILE A 208 27.21 5.19 6.22
CA ILE A 208 26.60 5.74 7.41
C ILE A 208 26.51 7.27 7.31
N THR A 209 27.59 7.92 6.84
CA THR A 209 27.52 9.35 6.59
C THR A 209 26.47 9.69 5.54
N LYS A 210 26.45 8.95 4.44
CA LYS A 210 25.47 9.17 3.38
C LYS A 210 24.05 9.22 3.94
N ASN A 211 23.68 8.27 4.79
CA ASN A 211 22.29 8.15 5.25
C ASN A 211 22.02 8.87 6.56
N HIS A 212 22.95 9.70 7.03
CA HIS A 212 22.76 10.40 8.30
C HIS A 212 21.53 11.31 8.23
N LEU A 213 20.80 11.39 9.33
CA LEU A 213 19.66 12.27 9.41
C LEU A 213 19.78 13.19 10.63
N PRO A 214 19.30 14.43 10.51
CA PRO A 214 19.19 15.30 11.68
C PRO A 214 18.38 14.65 12.78
N SER A 215 18.62 15.08 14.01
CA SER A 215 17.86 14.56 15.14
C SER A 215 16.56 15.29 15.38
N THR A 216 16.32 16.42 14.71
CA THR A 216 15.10 17.19 14.90
C THR A 216 14.52 17.57 13.54
N THR A 217 13.22 17.83 13.52
CA THR A 217 12.51 18.19 12.29
C THR A 217 12.59 19.70 12.05
N SER A 218 12.40 20.09 10.78
CA SER A 218 12.55 21.47 10.39
C SER A 218 11.26 22.17 9.96
N THR A 219 10.24 21.44 9.53
CA THR A 219 9.00 22.10 9.08
C THR A 219 8.35 22.82 10.25
N PRO A 220 8.13 24.13 10.17
CA PRO A 220 7.46 24.81 11.29
C PRO A 220 5.99 24.44 11.37
N GLY A 221 5.55 24.13 12.58
CA GLY A 221 4.17 23.76 12.82
C GLY A 221 3.91 22.29 12.71
N LEU A 222 4.91 21.50 12.32
CA LEU A 222 4.74 20.06 12.19
C LEU A 222 4.50 19.44 13.56
N ARG A 223 3.55 18.51 13.62
CA ARG A 223 3.31 17.68 14.81
C ARG A 223 2.30 16.57 14.53
N PRO A 224 2.09 15.64 15.46
CA PRO A 224 1.24 14.49 15.14
C PRO A 224 -0.22 14.82 14.92
N MET A 225 -0.82 14.04 14.03
CA MET A 225 -2.22 14.18 13.68
C MET A 225 -3.10 13.71 14.82
N GLU A 226 -4.26 14.35 14.98
CA GLU A 226 -5.17 14.05 16.07
C GLU A 226 -6.61 14.08 15.55
N ILE A 227 -7.54 13.54 16.35
CA ILE A 227 -8.95 13.45 15.95
C ILE A 227 -9.48 14.78 15.46
N LYS A 228 -9.12 15.88 16.12
CA LYS A 228 -9.66 17.18 15.69
C LYS A 228 -9.21 17.53 14.28
N ASP A 229 -8.11 16.95 13.79
CA ASP A 229 -7.58 17.23 12.46
C ASP A 229 -8.31 16.50 11.35
N ILE A 230 -9.22 15.58 11.68
CA ILE A 230 -9.81 14.69 10.68
C ILE A 230 -10.49 15.50 9.57
N ASP A 231 -11.32 16.47 9.95
CA ASP A 231 -12.02 17.26 8.93
C ASP A 231 -11.04 17.99 8.03
N ALA A 232 -9.98 18.58 8.61
CA ALA A 232 -9.05 19.35 7.80
C ALA A 232 -8.19 18.46 6.91
N VAL A 233 -7.76 17.30 7.43
CA VAL A 233 -6.99 16.38 6.60
C VAL A 233 -7.85 15.82 5.49
N HIS A 234 -9.09 15.47 5.82
CA HIS A 234 -10.03 14.98 4.81
C HIS A 234 -10.13 15.95 3.64
N ASP A 235 -10.44 17.23 3.91
CA ASP A 235 -10.55 18.24 2.86
C ASP A 235 -9.24 18.37 2.07
N LEU A 236 -8.10 18.47 2.76
CA LEU A 236 -6.84 18.70 2.08
C LEU A 236 -6.41 17.48 1.25
N LEU A 237 -6.49 16.28 1.85
CA LEU A 237 -6.15 15.06 1.11
C LEU A 237 -7.05 14.88 -0.10
N GLU A 238 -8.35 15.10 0.08
CA GLU A 238 -9.25 14.94 -1.05
C GLU A 238 -8.89 15.90 -2.18
N ARG A 239 -8.57 17.15 -1.84
CA ARG A 239 -8.24 18.11 -2.89
C ARG A 239 -6.94 17.72 -3.58
N TYR A 240 -5.98 17.20 -2.82
CA TYR A 240 -4.71 16.80 -3.41
C TYR A 240 -4.89 15.55 -4.25
N LEU A 241 -5.61 14.55 -3.73
CA LEU A 241 -5.74 13.30 -4.47
C LEU A 241 -6.54 13.46 -5.76
N LYS A 242 -7.50 14.38 -5.79
CA LYS A 242 -8.27 14.60 -7.01
C LYS A 242 -7.40 15.03 -8.17
N ARG A 243 -6.15 15.45 -7.91
CA ARG A 243 -5.26 15.89 -8.99
C ARG A 243 -4.72 14.72 -9.81
N PHE A 244 -4.86 13.48 -9.34
CA PHE A 244 -4.27 12.33 -10.00
C PHE A 244 -5.29 11.58 -10.84
N ASP A 245 -4.78 10.97 -11.92
CA ASP A 245 -5.67 10.28 -12.87
C ASP A 245 -6.50 9.21 -12.18
N MET A 246 -5.84 8.34 -11.41
CA MET A 246 -6.53 7.30 -10.64
C MET A 246 -6.23 7.60 -9.18
N ASN A 247 -7.27 7.87 -8.39
CA ASN A 247 -6.97 8.29 -7.03
C ASN A 247 -8.00 7.75 -6.04
N GLN A 248 -7.56 7.62 -4.79
CA GLN A 248 -8.44 7.13 -3.75
C GLN A 248 -9.36 8.23 -3.25
N ALA A 249 -10.64 7.90 -3.10
CA ALA A 249 -11.56 8.79 -2.40
C ALA A 249 -11.69 8.30 -0.95
N PHE A 250 -11.80 9.25 -0.03
CA PHE A 250 -11.90 8.99 1.39
C PHE A 250 -13.19 9.62 1.91
N THR A 251 -13.92 8.89 2.74
CA THR A 251 -14.88 9.51 3.66
C THR A 251 -14.13 9.94 4.91
N LYS A 252 -14.80 10.70 5.78
CA LYS A 252 -14.16 11.06 7.05
C LYS A 252 -13.94 9.83 7.92
N GLU A 253 -14.84 8.84 7.83
CA GLU A 253 -14.68 7.63 8.63
C GLU A 253 -13.51 6.81 8.12
N GLU A 254 -13.25 6.85 6.81
CA GLU A 254 -12.07 6.19 6.27
C GLU A 254 -10.79 6.92 6.65
N ILE A 255 -10.80 8.25 6.64
CA ILE A 255 -9.64 9.01 7.11
C ILE A 255 -9.26 8.57 8.52
N GLU A 256 -10.28 8.39 9.38
CA GLU A 256 -9.95 8.08 10.77
C GLU A 256 -9.46 6.64 10.89
N HIS A 257 -10.06 5.71 10.13
CA HIS A 257 -9.56 4.33 10.20
C HIS A 257 -8.14 4.23 9.68
N TRP A 258 -7.90 4.78 8.49
CA TRP A 258 -6.65 4.51 7.82
C TRP A 258 -5.50 5.34 8.35
N LEU A 259 -5.78 6.49 8.96
CA LEU A 259 -4.70 7.42 9.27
C LEU A 259 -4.50 7.74 10.74
N VAL A 260 -5.48 7.50 11.60
CA VAL A 260 -5.38 7.92 13.00
C VAL A 260 -5.17 6.67 13.84
N HIS A 261 -3.97 6.52 14.39
CA HIS A 261 -3.69 5.42 15.29
C HIS A 261 -4.53 5.57 16.54
N LYS A 262 -5.07 4.45 17.02
CA LYS A 262 -5.88 4.40 18.24
C LYS A 262 -5.21 3.47 19.23
N ASP A 263 -4.80 4.02 20.37
CA ASP A 263 -4.09 3.19 21.34
C ASP A 263 -5.08 2.36 22.14
N GLY A 264 -4.69 1.13 22.45
CA GLY A 264 -5.59 0.18 23.08
C GLY A 264 -4.85 -1.08 23.48
N ALA A 265 -5.46 -1.82 24.39
CA ALA A 265 -4.85 -3.04 24.93
C ALA A 265 -4.66 -4.08 23.83
N GLY A 266 -3.49 -4.72 23.84
CA GLY A 266 -3.17 -5.71 22.83
C GLY A 266 -3.07 -5.17 21.43
N LYS A 267 -2.91 -3.86 21.29
CA LYS A 267 -2.96 -3.20 19.99
C LYS A 267 -1.61 -2.54 19.72
N GLU A 268 -1.01 -2.85 18.57
CA GLU A 268 0.27 -2.32 18.17
C GLU A 268 0.07 -1.26 17.11
N GLN A 269 0.88 -0.21 17.14
CA GLN A 269 0.68 0.89 16.21
C GLN A 269 1.09 0.47 14.80
N VAL A 270 0.19 0.65 13.84
CA VAL A 270 0.45 0.31 12.46
C VAL A 270 0.73 1.54 11.61
N VAL A 271 0.07 2.67 11.88
CA VAL A 271 0.19 3.86 11.04
C VAL A 271 0.58 5.08 11.87
N TRP A 272 1.49 5.89 11.32
CA TRP A 272 1.96 7.15 11.88
C TRP A 272 1.50 8.29 10.98
N SER A 273 0.89 9.34 11.56
CA SER A 273 0.47 10.49 10.77
C SER A 273 0.82 11.80 11.45
N TYR A 274 1.28 12.76 10.67
CA TYR A 274 1.65 14.08 11.15
C TYR A 274 1.00 15.16 10.29
N VAL A 275 0.65 16.29 10.92
CA VAL A 275 0.16 17.45 10.21
C VAL A 275 1.09 18.64 10.45
N VAL A 276 0.97 19.64 9.58
CA VAL A 276 1.63 20.93 9.73
C VAL A 276 0.54 21.97 9.95
N GLU A 277 0.53 22.58 11.13
CA GLU A 277 -0.34 23.71 11.45
C GLU A 277 0.42 25.00 11.16
N ASP A 278 -0.03 25.76 10.16
CA ASP A 278 0.69 26.97 9.81
C ASP A 278 0.78 27.90 11.02
N PRO A 279 1.99 28.27 11.46
CA PRO A 279 2.10 29.05 12.72
C PRO A 279 1.28 30.33 12.73
N GLU A 280 1.05 30.93 11.56
CA GLU A 280 0.30 32.21 11.50
C GLU A 280 -1.19 31.96 11.35
N THR A 281 -1.61 31.35 10.24
CA THR A 281 -3.04 31.17 9.96
C THR A 281 -3.66 30.02 10.75
N HIS A 282 -2.86 29.10 11.25
CA HIS A 282 -3.27 27.93 12.05
C HIS A 282 -4.10 26.93 11.27
N LYS A 283 -4.18 27.04 9.95
CA LYS A 283 -4.77 26.00 9.13
C LYS A 283 -3.77 24.86 8.92
N ILE A 284 -4.31 23.68 8.62
CA ILE A 284 -3.49 22.52 8.29
C ILE A 284 -3.06 22.69 6.84
N THR A 285 -1.77 22.90 6.60
CA THR A 285 -1.26 23.16 5.27
C THR A 285 -0.58 21.96 4.63
N ASP A 286 -0.23 20.95 5.41
CA ASP A 286 0.54 19.80 4.95
C ASP A 286 0.20 18.60 5.83
N PHE A 287 0.39 17.40 5.29
CA PHE A 287 0.28 16.25 6.17
C PHE A 287 0.97 15.07 5.48
N PHE A 288 1.44 14.12 6.27
CA PHE A 288 2.02 12.91 5.69
C PHE A 288 1.80 11.76 6.67
N SER A 289 1.93 10.54 6.15
CA SER A 289 1.70 9.35 6.95
C SER A 289 2.55 8.21 6.40
N PHE A 290 2.76 7.20 7.23
CA PHE A 290 3.49 6.01 6.81
C PHE A 290 3.06 4.86 7.69
N TYR A 291 3.21 3.63 7.19
CA TYR A 291 2.80 2.46 7.97
C TYR A 291 3.94 1.46 8.12
N ASN A 292 3.77 0.60 9.14
CA ASN A 292 4.75 -0.42 9.49
C ASN A 292 4.38 -1.75 8.86
N LEU A 293 5.30 -2.34 8.11
CA LEU A 293 5.20 -3.76 7.71
C LEU A 293 6.60 -4.34 7.70
N PRO A 294 7.01 -4.99 8.79
CA PRO A 294 8.38 -5.53 8.84
C PRO A 294 8.60 -6.70 7.90
N SER A 295 9.86 -6.93 7.56
CA SER A 295 10.25 -8.09 6.78
C SER A 295 11.15 -8.99 7.59
N THR A 296 10.81 -10.27 7.63
CA THR A 296 11.58 -11.26 8.34
C THR A 296 12.85 -11.60 7.57
N VAL A 297 13.98 -11.55 8.27
CA VAL A 297 15.26 -12.02 7.75
C VAL A 297 15.31 -13.53 7.95
N ILE A 298 15.27 -14.28 6.85
CA ILE A 298 15.30 -15.74 6.92
C ILE A 298 16.67 -16.16 7.45
N GLN A 299 16.77 -16.24 8.78
CA GLN A 299 17.95 -16.65 9.55
C GLN A 299 19.12 -15.67 9.46
N HIS A 300 19.54 -15.15 10.62
CA HIS A 300 20.73 -14.33 10.73
C HIS A 300 21.14 -14.25 12.19
N PRO A 301 22.44 -14.29 12.50
CA PRO A 301 22.87 -14.45 13.90
C PRO A 301 22.45 -13.32 14.84
N LYS A 302 22.31 -12.10 14.33
CA LYS A 302 22.12 -10.94 15.19
C LYS A 302 20.76 -10.28 15.02
N HIS A 303 20.17 -10.33 13.82
CA HIS A 303 18.98 -9.55 13.49
C HIS A 303 17.87 -10.43 12.97
N LYS A 304 16.70 -10.33 13.60
CA LYS A 304 15.55 -11.12 13.19
C LYS A 304 14.70 -10.44 12.11
N GLU A 305 14.54 -9.12 12.20
CA GLU A 305 13.61 -8.40 11.35
C GLU A 305 14.22 -7.14 10.79
N VAL A 306 13.74 -6.76 9.61
CA VAL A 306 13.87 -5.39 9.11
C VAL A 306 12.59 -4.65 9.43
N ARG A 307 12.67 -3.64 10.31
CA ARG A 307 11.51 -2.82 10.64
C ARG A 307 11.34 -1.77 9.54
N ALA A 308 10.31 -1.92 8.70
CA ALA A 308 10.19 -1.15 7.47
C ALA A 308 8.97 -0.25 7.55
N ALA A 309 9.18 1.03 7.29
CA ALA A 309 8.08 1.98 7.12
C ALA A 309 7.83 2.16 5.63
N TYR A 310 6.56 2.27 5.26
CA TYR A 310 6.13 2.54 3.90
C TYR A 310 5.43 3.88 3.85
N LEU A 311 5.88 4.76 2.98
CA LEU A 311 5.20 6.03 2.81
C LEU A 311 3.78 5.76 2.35
N TYR A 312 2.83 6.46 2.96
CA TYR A 312 1.41 6.23 2.73
C TYR A 312 0.83 7.46 2.07
N TYR A 313 -0.24 8.05 2.59
CA TYR A 313 -0.82 9.23 2.00
C TYR A 313 -0.17 10.48 2.57
N TYR A 314 -0.13 11.52 1.74
CA TYR A 314 0.35 12.84 2.15
C TYR A 314 -0.30 13.90 1.28
N ALA A 315 -0.09 15.17 1.65
CA ALA A 315 -0.67 16.27 0.89
C ALA A 315 -0.06 17.57 1.36
N THR A 316 -0.05 18.56 0.48
CA THR A 316 0.44 19.88 0.79
C THR A 316 -0.31 20.94 0.00
N GLU A 317 -0.63 22.05 0.66
CA GLU A 317 -1.24 23.19 -0.03
C GLU A 317 -0.34 23.77 -1.10
N THR A 318 0.97 23.55 -1.01
CA THR A 318 1.88 24.09 -2.02
C THR A 318 1.57 23.52 -3.40
N ALA A 319 1.00 22.31 -3.46
CA ALA A 319 0.69 21.69 -4.74
C ALA A 319 -0.17 22.59 -5.64
N PHE A 320 -1.09 23.35 -5.04
CA PHE A 320 -2.10 24.06 -5.81
C PHE A 320 -1.60 25.36 -6.45
N THR A 321 -0.43 25.86 -6.01
CA THR A 321 0.17 27.03 -6.66
C THR A 321 0.67 26.71 -8.06
N GLU A 322 0.84 25.44 -8.38
CA GLU A 322 1.20 24.93 -9.69
C GLU A 322 2.60 25.31 -10.15
N ASP A 323 3.52 25.70 -9.26
CA ASP A 323 4.91 25.83 -9.69
C ASP A 323 5.71 24.69 -9.06
N LEU A 324 6.35 23.90 -9.93
CA LEU A 324 7.03 22.68 -9.51
C LEU A 324 8.19 22.97 -8.58
N LYS A 325 8.88 24.09 -8.76
CA LYS A 325 10.01 24.40 -7.90
C LYS A 325 9.59 24.49 -6.45
N ALA A 326 8.50 25.21 -6.17
CA ALA A 326 8.05 25.34 -4.78
C ALA A 326 7.52 24.03 -4.23
N LEU A 327 6.91 23.19 -5.08
CA LEU A 327 6.42 21.91 -4.59
C LEU A 327 7.58 20.99 -4.25
N LYS A 328 8.59 20.94 -5.12
CA LYS A 328 9.79 20.17 -4.81
C LYS A 328 10.40 20.59 -3.48
N GLU A 329 10.64 21.90 -3.29
CA GLU A 329 11.25 22.34 -2.03
C GLU A 329 10.39 21.97 -0.84
N ARG A 330 9.07 22.07 -0.96
CA ARG A 330 8.22 21.76 0.17
C ARG A 330 8.26 20.27 0.49
N LEU A 331 8.25 19.43 -0.54
CA LEU A 331 8.29 17.99 -0.32
C LEU A 331 9.65 17.55 0.23
N LEU A 332 10.73 18.20 -0.21
CA LEU A 332 12.03 17.89 0.36
C LEU A 332 12.04 18.15 1.86
N LEU A 333 11.42 19.26 2.27
CA LEU A 333 11.32 19.60 3.69
C LEU A 333 10.45 18.60 4.44
N LEU A 334 9.21 18.41 3.97
CA LEU A 334 8.27 17.51 4.63
C LEU A 334 8.77 16.08 4.69
N MET A 335 9.24 15.53 3.56
CA MET A 335 9.61 14.12 3.60
C MET A 335 10.93 13.86 4.34
N ASN A 336 11.82 14.84 4.42
CA ASN A 336 12.97 14.59 5.27
C ASN A 336 12.51 14.51 6.72
N ASP A 337 11.48 15.28 7.10
CA ASP A 337 10.92 15.15 8.44
C ASP A 337 10.25 13.80 8.63
N ALA A 338 9.60 13.29 7.59
CA ALA A 338 9.03 11.95 7.68
C ALA A 338 10.13 10.91 7.96
N LEU A 339 11.26 11.03 7.26
CA LEU A 339 12.39 10.14 7.54
C LEU A 339 12.86 10.27 8.98
N ILE A 340 12.92 11.51 9.50
CA ILE A 340 13.38 11.71 10.87
C ILE A 340 12.40 11.07 11.86
N GLN A 341 11.09 11.23 11.61
CA GLN A 341 10.10 10.67 12.53
C GLN A 341 10.14 9.14 12.50
N ALA A 342 10.32 8.57 11.31
CA ALA A 342 10.46 7.11 11.24
C ALA A 342 11.68 6.64 11.98
N LYS A 343 12.82 7.30 11.78
CA LYS A 343 14.04 6.92 12.50
C LYS A 343 13.82 7.00 14.01
N LYS A 344 13.16 8.06 14.47
CA LYS A 344 12.86 8.20 15.89
C LYS A 344 12.02 7.03 16.41
N ALA A 345 11.10 6.52 15.59
CA ALA A 345 10.28 5.39 15.97
C ALA A 345 10.96 4.05 15.71
N HIS A 346 12.27 4.08 15.47
CA HIS A 346 13.15 2.91 15.40
C HIS A 346 12.94 2.07 14.14
N PHE A 347 12.52 2.70 13.04
CA PHE A 347 12.51 1.99 11.78
C PHE A 347 13.92 1.88 11.18
N ASP A 348 14.18 0.76 10.49
CA ASP A 348 15.45 0.50 9.82
C ASP A 348 15.51 1.02 8.39
N VAL A 349 14.37 1.12 7.72
CA VAL A 349 14.34 1.50 6.31
C VAL A 349 13.00 2.19 6.06
N PHE A 350 12.99 3.08 5.06
CA PHE A 350 11.78 3.82 4.68
C PHE A 350 11.53 3.57 3.20
N ASN A 351 10.40 2.96 2.87
CA ASN A 351 10.13 2.54 1.51
C ASN A 351 9.11 3.47 0.87
N ALA A 352 9.23 3.64 -0.45
CA ALA A 352 8.20 4.42 -1.14
C ALA A 352 8.16 3.99 -2.59
N LEU A 353 7.05 4.30 -3.25
CA LEU A 353 6.89 4.03 -4.66
C LEU A 353 7.03 5.31 -5.46
N THR A 354 7.04 5.18 -6.79
CA THR A 354 7.20 6.35 -7.64
C THR A 354 5.88 7.08 -7.91
N LEU A 355 4.81 6.76 -7.18
CA LEU A 355 3.50 7.36 -7.42
C LEU A 355 3.40 8.72 -6.74
N HIS A 356 2.19 9.28 -6.69
CA HIS A 356 1.95 10.62 -6.15
C HIS A 356 2.95 11.61 -6.78
N ASP A 357 3.54 12.50 -5.99
CA ASP A 357 4.61 13.36 -6.46
C ASP A 357 5.98 12.88 -6.02
N ASN A 358 6.11 11.58 -5.74
CA ASN A 358 7.32 11.09 -5.10
C ASN A 358 8.58 11.29 -5.94
N PRO A 359 8.55 11.21 -7.28
CA PRO A 359 9.81 11.47 -8.02
C PRO A 359 10.41 12.85 -7.78
N LEU A 360 9.67 13.79 -7.19
CA LEU A 360 10.24 15.11 -6.88
C LEU A 360 11.27 15.04 -5.75
N PHE A 361 11.23 14.00 -4.92
CA PHE A 361 12.13 13.98 -3.78
C PHE A 361 12.90 12.68 -3.58
N LEU A 362 12.57 11.59 -4.30
CA LEU A 362 13.19 10.30 -3.95
C LEU A 362 14.71 10.36 -4.01
N GLU A 363 15.26 10.79 -5.14
CA GLU A 363 16.72 10.72 -5.32
C GLU A 363 17.45 11.71 -4.40
N GLN A 364 16.92 12.92 -4.26
CA GLN A 364 17.54 13.94 -3.40
C GLN A 364 17.61 13.50 -1.95
N LEU A 365 16.60 12.77 -1.48
CA LEU A 365 16.55 12.34 -0.08
C LEU A 365 17.23 11.00 0.12
N LYS A 366 17.92 10.51 -0.91
CA LYS A 366 18.80 9.35 -0.87
C LYS A 366 18.03 8.05 -0.74
N PHE A 367 16.83 8.00 -1.32
CA PHE A 367 16.19 6.73 -1.61
C PHE A 367 16.95 6.05 -2.73
N GLY A 368 17.31 4.77 -2.54
CA GLY A 368 17.88 3.98 -3.60
C GLY A 368 16.83 3.14 -4.32
N ALA A 369 17.03 2.97 -5.63
CA ALA A 369 16.10 2.19 -6.43
C ALA A 369 16.08 0.73 -5.99
N GLY A 370 14.89 0.14 -5.95
CA GLY A 370 14.73 -1.26 -5.68
C GLY A 370 14.54 -2.04 -6.96
N ASP A 371 14.62 -3.36 -6.85
CA ASP A 371 14.29 -4.17 -8.01
C ASP A 371 12.81 -4.48 -8.08
N GLY A 372 12.04 -4.14 -7.06
CA GLY A 372 10.62 -4.43 -7.07
C GLY A 372 9.84 -3.45 -7.93
N GLN A 373 8.75 -3.95 -8.51
CA GLN A 373 7.77 -3.14 -9.23
C GLN A 373 6.39 -3.45 -8.69
N LEU A 374 5.51 -2.46 -8.67
CA LEU A 374 4.13 -2.69 -8.32
C LEU A 374 3.26 -2.36 -9.52
N HIS A 375 2.43 -3.32 -9.95
CA HIS A 375 1.58 -3.13 -11.12
C HIS A 375 0.13 -3.03 -10.67
N PHE A 376 -0.60 -2.08 -11.25
CA PHE A 376 -1.98 -1.79 -10.86
C PHE A 376 -2.93 -2.32 -11.92
N TYR A 377 -4.01 -2.97 -11.48
CA TYR A 377 -4.99 -3.56 -12.37
C TYR A 377 -6.38 -3.11 -12.00
N LEU A 378 -7.21 -2.85 -13.00
CA LEU A 378 -8.62 -2.56 -12.80
C LEU A 378 -9.46 -3.69 -13.37
N TYR A 379 -10.49 -4.07 -12.64
CA TYR A 379 -11.37 -5.13 -13.06
C TYR A 379 -12.71 -4.54 -13.48
N ASN A 380 -13.19 -4.99 -14.64
CA ASN A 380 -14.43 -4.49 -15.23
C ASN A 380 -14.37 -2.98 -15.51
N TYR A 381 -13.21 -2.46 -15.89
CA TYR A 381 -13.10 -1.07 -16.26
C TYR A 381 -11.97 -0.89 -17.27
N ARG A 382 -12.24 -0.08 -18.30
CA ARG A 382 -11.28 0.22 -19.35
C ARG A 382 -10.90 1.70 -19.31
N THR A 383 -9.61 1.98 -19.33
CA THR A 383 -9.14 3.36 -19.38
C THR A 383 -7.74 3.34 -19.99
N ALA A 384 -7.30 4.50 -20.47
CA ALA A 384 -5.98 4.62 -21.05
C ALA A 384 -4.92 4.34 -19.98
N PRO A 385 -3.74 3.85 -20.38
CA PRO A 385 -2.67 3.64 -19.40
C PRO A 385 -2.35 4.93 -18.67
N ILE A 386 -1.92 4.78 -17.42
CA ILE A 386 -1.78 5.89 -16.49
C ILE A 386 -0.33 5.97 -16.05
N PRO A 387 0.31 7.13 -16.13
CA PRO A 387 1.76 7.20 -15.88
C PRO A 387 2.08 6.91 -14.43
N GLY A 388 3.18 6.19 -14.21
CA GLY A 388 3.47 5.68 -12.88
C GLY A 388 4.67 6.30 -12.20
N GLY A 389 5.07 7.49 -12.66
CA GLY A 389 6.19 8.22 -12.08
C GLY A 389 7.54 7.87 -12.64
N VAL A 390 7.62 6.96 -13.61
CA VAL A 390 8.91 6.54 -14.15
C VAL A 390 8.91 6.70 -15.66
N ASN A 391 10.10 6.94 -16.20
CA ASN A 391 10.29 7.07 -17.64
C ASN A 391 10.51 5.69 -18.26
N GLU A 392 10.80 5.65 -19.56
CA GLU A 392 11.04 4.40 -20.26
C GLU A 392 12.25 3.63 -19.73
N LYS A 393 13.13 4.26 -18.97
CA LYS A 393 14.24 3.55 -18.36
C LYS A 393 13.92 3.10 -16.93
N ASN A 394 12.65 3.18 -16.53
CA ASN A 394 12.22 2.84 -15.17
C ASN A 394 12.88 3.74 -14.13
N LEU A 395 13.23 5.00 -14.51
CA LEU A 395 13.74 6.00 -13.58
C LEU A 395 12.71 7.08 -13.25
N PRO A 396 12.74 7.65 -12.05
CA PRO A 396 11.75 8.65 -11.68
C PRO A 396 11.84 9.86 -12.60
N ASP A 397 10.69 10.39 -12.99
CA ASP A 397 10.74 11.55 -13.86
C ASP A 397 9.51 12.41 -13.61
N GLU A 398 9.72 13.70 -13.33
CA GLU A 398 8.61 14.58 -12.95
C GLU A 398 7.60 14.78 -14.08
N LYS A 399 7.95 14.42 -15.32
CA LYS A 399 6.96 14.52 -16.39
C LYS A 399 6.03 13.34 -16.43
N LYS A 400 6.24 12.33 -15.59
CA LYS A 400 5.45 11.10 -15.61
C LYS A 400 4.66 10.93 -14.32
N MET A 401 4.35 12.02 -13.62
CA MET A 401 3.56 11.99 -12.40
C MET A 401 2.10 12.31 -12.71
N GLY A 402 1.33 12.69 -11.69
CA GLY A 402 -0.05 12.98 -11.89
C GLY A 402 -0.92 11.78 -12.19
N GLY A 403 -0.38 10.55 -12.15
CA GLY A 403 -1.18 9.42 -12.57
C GLY A 403 -1.77 8.59 -11.43
N VAL A 404 -0.91 8.08 -10.54
CA VAL A 404 -1.33 7.12 -9.54
C VAL A 404 -1.41 7.82 -8.20
N GLY A 405 -2.62 7.90 -7.65
CA GLY A 405 -2.87 8.46 -6.33
C GLY A 405 -3.60 7.49 -5.42
N VAL A 406 -3.39 6.20 -5.61
CA VAL A 406 -3.86 5.17 -4.68
C VAL A 406 -2.62 4.46 -4.15
N VAL A 407 -2.51 4.33 -2.82
CA VAL A 407 -1.48 3.51 -2.22
C VAL A 407 -2.15 2.20 -1.80
N MET A 408 -1.82 1.11 -2.50
CA MET A 408 -2.27 -0.22 -2.15
C MET A 408 -1.22 -0.88 -1.26
N LEU A 409 -1.69 -1.75 -0.35
CA LEU A 409 -0.83 -2.39 0.63
C LEU A 409 -0.12 -3.64 0.10
#